data_5I1T
#
_entry.id   5I1T
#
_cell.length_a   98.082
_cell.length_b   98.082
_cell.length_c   108.327
_cell.angle_alpha   90.00
_cell.angle_beta   90.00
_cell.angle_gamma   120.00
#
_symmetry.space_group_name_H-M   'P 31 2 1'
#
loop_
_entity.id
_entity.type
_entity.pdbx_description
1 polymer 'Stage II sporulation protein D'
2 branched 2-acetamido-2-deoxy-beta-D-glucopyranose-(1-4)-2-acetamido-2-deoxy-beta-D-glucopyranose-(1-4)-2-acetamido-2-deoxy-beta-D-glucopyranose
3 non-polymer 'ZINC ION'
4 non-polymer 'SODIUM ION'
5 non-polymer 'CHLORIDE ION'
6 non-polymer GLYCEROL
7 water water
#
_entity_poly.entity_id   1
_entity_poly.type   'polypeptide(L)'
_entity_poly.pdbx_seq_one_letter_code
;SNAKNVELTEKPESPVSINKTIKKSDIEDKGNKEEKNTVNYETVNKKAPIINVYNHITGKTEKMDMENYLCGVLAGEMSS
EFDIEALKAQSVAARTYVVYKQEHGKSSKHKNAVVCTDYKHCQEYKSYDTLKKLNGEEWIKNKYSKIQEAVRGTKGQIIT
YNDKAILPLYFSTSSGKTENSEEVFSAKYPYLKSVESPYDKYSPKFASTLKISNTDFVKSLRRAYSTIVIDVNNLSKQVS
ITKRSDAGTVEKIKLGNKELTGKDIRTVFKLNSANFDIKFGEGYIDFVVKGYGHGVGMSQWGAEGMAEEGYKYYDILSHY
YTDTKIKDIY
;
_entity_poly.pdbx_strand_id   A
#
loop_
_chem_comp.id
_chem_comp.type
_chem_comp.name
_chem_comp.formula
CL non-polymer 'CHLORIDE ION' 'Cl -1'
GOL non-polymer GLYCEROL 'C3 H8 O3'
NA non-polymer 'SODIUM ION' 'Na 1'
NAG D-saccharide, beta linking 2-acetamido-2-deoxy-beta-D-glucopyranose 'C8 H15 N O6'
ZN non-polymer 'ZINC ION' 'Zn 2'
#
# COMPACT_ATOMS: atom_id res chain seq x y z
N LYS A 46 2.40 -26.49 -16.30
CA LYS A 46 2.43 -25.64 -17.52
C LYS A 46 3.22 -24.35 -17.26
N LYS A 47 3.33 -23.48 -18.26
CA LYS A 47 4.10 -22.22 -18.15
C LYS A 47 3.28 -21.03 -17.61
N ALA A 48 3.93 -19.87 -17.53
CA ALA A 48 3.33 -18.63 -16.99
C ALA A 48 2.04 -18.20 -17.71
N PRO A 49 0.95 -17.98 -16.94
CA PRO A 49 -0.30 -17.55 -17.57
C PRO A 49 -0.23 -16.15 -18.18
N ILE A 50 -1.19 -15.88 -19.06
CA ILE A 50 -1.35 -14.60 -19.71
C ILE A 50 -2.53 -13.97 -19.00
N ILE A 51 -2.40 -12.70 -18.60
CA ILE A 51 -3.47 -12.01 -17.88
C ILE A 51 -3.92 -10.73 -18.57
N ASN A 52 -5.14 -10.32 -18.25
CA ASN A 52 -5.73 -9.09 -18.78
C ASN A 52 -5.54 -7.95 -17.80
N VAL A 53 -4.72 -6.97 -18.19
CA VAL A 53 -4.41 -5.84 -17.30
C VAL A 53 -5.00 -4.55 -17.82
N TYR A 54 -5.78 -3.89 -16.99
CA TYR A 54 -6.33 -2.61 -17.37
C TYR A 54 -5.27 -1.54 -17.14
N ASN A 55 -4.86 -0.90 -18.21
CA ASN A 55 -3.93 0.21 -18.15
C ASN A 55 -4.77 1.47 -17.92
N HIS A 56 -4.75 1.99 -16.70
CA HIS A 56 -5.56 3.16 -16.35
C HIS A 56 -5.18 4.45 -17.05
N ILE A 57 -3.95 4.53 -17.54
CA ILE A 57 -3.48 5.74 -18.22
C ILE A 57 -3.94 5.81 -19.68
N THR A 58 -3.80 4.70 -20.40
CA THR A 58 -4.21 4.63 -21.82
C THR A 58 -5.70 4.30 -21.92
N GLY A 59 -6.24 3.69 -20.86
CA GLY A 59 -7.63 3.29 -20.80
C GLY A 59 -7.91 1.99 -21.54
N LYS A 60 -6.87 1.17 -21.76
CA LYS A 60 -7.03 -0.08 -22.51
C LYS A 60 -6.57 -1.32 -21.79
N THR A 61 -7.26 -2.42 -22.05
CA THR A 61 -6.95 -3.72 -21.49
C THR A 61 -5.94 -4.40 -22.41
N GLU A 62 -4.76 -4.73 -21.87
CA GLU A 62 -3.69 -5.39 -22.62
C GLU A 62 -3.50 -6.80 -22.07
N LYS A 63 -3.06 -7.71 -22.93
CA LYS A 63 -2.71 -9.05 -22.48
C LYS A 63 -1.23 -9.01 -22.15
N MET A 64 -0.85 -9.64 -21.03
CA MET A 64 0.54 -9.69 -20.59
C MET A 64 0.83 -11.02 -19.91
N ASP A 65 2.10 -11.44 -19.98
N ASP A 65 2.09 -11.47 -19.99
CA ASP A 65 2.57 -12.64 -19.29
CA ASP A 65 2.48 -12.68 -19.30
C ASP A 65 2.80 -12.24 -17.84
C ASP A 65 2.79 -12.26 -17.86
N MET A 66 2.44 -13.11 -16.90
CA MET A 66 2.65 -12.84 -15.48
C MET A 66 3.99 -12.29 -15.09
N GLU A 67 5.03 -13.01 -15.49
CA GLU A 67 6.38 -12.65 -15.15
C GLU A 67 6.73 -11.23 -15.54
N ASN A 68 6.44 -10.87 -16.80
N ASN A 68 6.44 -10.85 -16.79
CA ASN A 68 6.73 -9.54 -17.33
CA ASN A 68 6.76 -9.51 -17.30
C ASN A 68 5.94 -8.45 -16.60
C ASN A 68 5.94 -8.44 -16.58
N TYR A 69 4.70 -8.78 -16.24
CA TYR A 69 3.84 -7.86 -15.51
C TYR A 69 4.39 -7.60 -14.08
N LEU A 70 4.83 -8.66 -13.41
CA LEU A 70 5.35 -8.56 -12.05
C LEU A 70 6.65 -7.75 -12.01
N CYS A 71 7.43 -7.81 -13.08
CA CYS A 71 8.63 -6.98 -13.14
C CYS A 71 8.24 -5.50 -13.07
N GLY A 72 7.15 -5.14 -13.76
CA GLY A 72 6.64 -3.77 -13.76
C GLY A 72 6.07 -3.35 -12.42
N VAL A 73 5.42 -4.29 -11.74
CA VAL A 73 4.85 -4.02 -10.43
C VAL A 73 6.00 -3.73 -9.45
N LEU A 74 6.97 -4.61 -9.46
CA LEU A 74 8.07 -4.49 -8.52
C LEU A 74 8.84 -3.19 -8.77
N ALA A 75 9.05 -2.85 -10.03
CA ALA A 75 9.78 -1.62 -10.38
C ALA A 75 9.16 -0.35 -9.85
N GLY A 76 7.85 -0.38 -9.67
CA GLY A 76 7.09 0.75 -9.16
C GLY A 76 6.79 0.68 -7.67
N GLU A 77 6.72 -0.53 -7.11
CA GLU A 77 6.46 -0.69 -5.67
C GLU A 77 7.72 -0.59 -4.83
N MET A 78 8.82 -1.15 -5.33
CA MET A 78 10.11 -1.15 -4.63
C MET A 78 11.29 -0.68 -5.46
N SER A 79 12.30 -0.24 -4.75
CA SER A 79 13.53 0.20 -5.37
C SER A 79 14.40 -1.01 -5.75
N SER A 80 15.14 -0.88 -6.83
CA SER A 80 16.09 -1.92 -7.22
C SER A 80 17.18 -2.08 -6.13
N GLU A 81 17.33 -1.05 -5.30
CA GLU A 81 18.29 -1.06 -4.21
C GLU A 81 17.85 -1.84 -2.95
N PHE A 82 16.61 -2.31 -2.90
CA PHE A 82 16.17 -3.11 -1.76
C PHE A 82 16.85 -4.47 -1.79
N ASP A 83 16.99 -5.07 -0.63
CA ASP A 83 17.58 -6.37 -0.55
C ASP A 83 16.80 -7.38 -1.39
N ILE A 84 17.53 -8.34 -1.97
CA ILE A 84 16.94 -9.38 -2.81
C ILE A 84 15.79 -10.12 -2.08
N GLU A 85 15.92 -10.39 -0.79
CA GLU A 85 14.84 -11.06 -0.01
C GLU A 85 13.56 -10.22 0.14
N ALA A 86 13.71 -8.90 0.19
CA ALA A 86 12.54 -8.01 0.26
C ALA A 86 11.85 -7.98 -1.12
N LEU A 87 12.64 -7.88 -2.17
CA LEU A 87 12.11 -7.92 -3.53
C LEU A 87 11.41 -9.25 -3.80
N LYS A 88 12.02 -10.35 -3.34
CA LYS A 88 11.39 -11.65 -3.53
C LYS A 88 10.05 -11.71 -2.80
N ALA A 89 9.99 -11.22 -1.55
CA ALA A 89 8.73 -11.22 -0.80
C ALA A 89 7.65 -10.41 -1.52
N GLN A 90 8.04 -9.25 -2.07
CA GLN A 90 7.12 -8.39 -2.81
C GLN A 90 6.65 -9.05 -4.09
N SER A 91 7.55 -9.71 -4.79
CA SER A 91 7.13 -10.39 -6.03
C SER A 91 6.07 -11.49 -5.76
N VAL A 92 6.19 -12.21 -4.63
CA VAL A 92 5.23 -13.26 -4.29
C VAL A 92 3.89 -12.62 -3.94
N ALA A 93 3.93 -11.53 -3.18
CA ALA A 93 2.67 -10.85 -2.86
C ALA A 93 1.97 -10.36 -4.13
N ALA A 94 2.74 -9.72 -5.02
CA ALA A 94 2.17 -9.16 -6.25
C ALA A 94 1.57 -10.24 -7.11
N ARG A 95 2.24 -11.38 -7.19
CA ARG A 95 1.73 -12.52 -7.98
C ARG A 95 0.44 -13.05 -7.31
N THR A 96 0.47 -13.17 -5.99
CA THR A 96 -0.65 -13.66 -5.24
C THR A 96 -1.86 -12.75 -5.42
N TYR A 97 -1.62 -11.44 -5.56
CA TYR A 97 -2.70 -10.45 -5.72
C TYR A 97 -3.47 -10.77 -6.99
N VAL A 98 -2.74 -11.00 -8.07
CA VAL A 98 -3.36 -11.36 -9.34
C VAL A 98 -4.14 -12.68 -9.22
N VAL A 99 -3.51 -13.69 -8.64
CA VAL A 99 -4.16 -14.99 -8.52
C VAL A 99 -5.43 -14.88 -7.69
N TYR A 100 -5.36 -14.15 -6.58
CA TYR A 100 -6.52 -13.94 -5.73
C TYR A 100 -7.67 -13.33 -6.50
N LYS A 101 -7.37 -12.27 -7.27
CA LYS A 101 -8.41 -11.60 -8.06
C LYS A 101 -9.02 -12.52 -9.12
N GLN A 102 -8.21 -13.36 -9.78
CA GLN A 102 -8.75 -14.33 -10.77
C GLN A 102 -9.81 -15.25 -10.15
N GLU A 103 -9.56 -15.70 -8.94
CA GLU A 103 -10.47 -16.61 -8.25
C GLU A 103 -11.70 -15.94 -7.66
N HIS A 104 -11.69 -14.62 -7.54
CA HIS A 104 -12.83 -13.92 -6.96
C HIS A 104 -13.55 -13.05 -7.98
N GLY A 105 -14.65 -12.45 -7.55
CA GLY A 105 -15.50 -11.67 -8.43
C GLY A 105 -14.79 -10.58 -9.19
N LYS A 106 -15.32 -10.29 -10.38
CA LYS A 106 -14.77 -9.25 -11.24
C LYS A 106 -14.99 -7.88 -10.62
N SER A 107 -14.08 -6.95 -10.88
CA SER A 107 -14.17 -5.61 -10.30
C SER A 107 -15.21 -4.72 -10.98
N SER A 108 -15.69 -3.73 -10.24
CA SER A 108 -16.65 -2.75 -10.73
C SER A 108 -15.92 -1.81 -11.68
N LYS A 109 -14.75 -1.34 -11.24
CA LYS A 109 -13.87 -0.45 -11.99
C LYS A 109 -13.46 -0.95 -13.38
N HIS A 110 -12.90 -2.16 -13.42
CA HIS A 110 -12.43 -2.77 -14.66
C HIS A 110 -12.89 -4.23 -14.74
N LYS A 111 -14.09 -4.45 -15.28
CA LYS A 111 -14.68 -5.81 -15.36
C LYS A 111 -14.01 -6.78 -16.33
N ASN A 112 -13.35 -6.25 -17.37
CA ASN A 112 -12.62 -7.08 -18.34
C ASN A 112 -11.18 -7.40 -17.95
N ALA A 113 -10.72 -6.87 -16.81
CA ALA A 113 -9.34 -7.06 -16.35
C ALA A 113 -9.26 -7.57 -14.90
N VAL A 114 -8.27 -8.42 -14.64
CA VAL A 114 -8.08 -8.99 -13.30
C VAL A 114 -7.51 -7.94 -12.34
N VAL A 115 -6.54 -7.18 -12.83
CA VAL A 115 -5.89 -6.11 -12.08
C VAL A 115 -5.70 -4.89 -12.99
N CYS A 116 -5.42 -3.75 -12.39
CA CYS A 116 -5.16 -2.54 -13.17
C CYS A 116 -3.83 -1.94 -12.71
N THR A 117 -3.33 -0.99 -13.50
CA THR A 117 -2.03 -0.34 -13.26
C THR A 117 -2.05 0.85 -12.28
N ASP A 118 -3.12 1.00 -11.52
CA ASP A 118 -3.30 2.10 -10.56
C ASP A 118 -3.10 1.63 -9.11
N TYR A 119 -2.05 2.13 -8.45
CA TYR A 119 -1.74 1.76 -7.07
C TYR A 119 -2.86 2.13 -6.08
N LYS A 120 -3.76 3.02 -6.48
CA LYS A 120 -4.91 3.44 -5.66
C LYS A 120 -6.04 2.41 -5.68
N HIS A 121 -6.00 1.49 -6.65
CA HIS A 121 -7.02 0.47 -6.75
C HIS A 121 -6.47 -0.95 -6.56
N CYS A 122 -5.42 -1.31 -7.33
CA CYS A 122 -4.76 -2.64 -7.22
C CYS A 122 -3.32 -2.47 -6.76
N GLN A 123 -2.40 -2.30 -7.72
CA GLN A 123 -0.99 -2.11 -7.39
C GLN A 123 -0.29 -1.36 -8.51
N GLU A 124 0.87 -0.82 -8.18
CA GLU A 124 1.66 0.01 -9.09
C GLU A 124 2.15 -0.78 -10.32
N TYR A 125 2.51 -0.08 -11.38
CA TYR A 125 3.04 -0.73 -12.59
C TYR A 125 3.83 0.27 -13.42
N LYS A 126 5.00 -0.16 -13.89
CA LYS A 126 5.87 0.65 -14.76
C LYS A 126 6.32 -0.26 -15.90
N SER A 127 5.94 0.09 -17.13
CA SER A 127 6.29 -0.74 -18.28
C SER A 127 7.78 -0.64 -18.60
N TYR A 128 8.25 -1.58 -19.40
CA TYR A 128 9.63 -1.61 -19.80
C TYR A 128 10.02 -0.27 -20.47
N ASP A 129 9.20 0.19 -21.43
CA ASP A 129 9.49 1.44 -22.14
C ASP A 129 9.55 2.65 -21.22
N THR A 130 8.59 2.73 -20.30
CA THR A 130 8.54 3.84 -19.34
C THR A 130 9.84 3.94 -18.56
N LEU A 131 10.23 2.81 -17.97
CA LEU A 131 11.46 2.71 -17.18
C LEU A 131 12.71 2.99 -18.00
N LYS A 132 12.68 2.58 -19.27
CA LYS A 132 13.83 2.81 -20.14
C LYS A 132 14.01 4.31 -20.42
N LYS A 133 12.91 5.00 -20.71
CA LYS A 133 12.95 6.44 -20.95
C LYS A 133 13.23 7.26 -19.70
N LEU A 134 12.78 6.77 -18.56
CA LEU A 134 12.93 7.47 -17.30
C LEU A 134 14.32 7.22 -16.67
N ASN A 135 14.86 6.01 -16.78
CA ASN A 135 16.14 5.65 -16.14
C ASN A 135 17.35 5.37 -17.03
N GLY A 136 17.09 4.97 -18.29
CA GLY A 136 18.18 4.70 -19.23
C GLY A 136 18.57 3.24 -19.38
N GLU A 137 19.34 2.98 -20.44
CA GLU A 137 19.81 1.64 -20.81
C GLU A 137 20.73 0.98 -19.80
N GLU A 138 21.57 1.76 -19.13
CA GLU A 138 22.49 1.18 -18.12
C GLU A 138 21.72 0.66 -16.92
N TRP A 139 20.65 1.39 -16.59
CA TRP A 139 19.83 1.05 -15.46
C TRP A 139 19.12 -0.27 -15.75
N ILE A 140 18.54 -0.35 -16.93
CA ILE A 140 17.85 -1.54 -17.40
C ILE A 140 18.74 -2.78 -17.29
N LYS A 141 20.01 -2.63 -17.67
N LYS A 141 20.01 -2.62 -17.67
CA LYS A 141 20.94 -3.76 -17.68
CA LYS A 141 20.97 -3.72 -17.66
C LYS A 141 21.52 -4.12 -16.30
C LYS A 141 21.45 -4.12 -16.27
N ASN A 142 21.75 -3.12 -15.45
CA ASN A 142 22.33 -3.37 -14.09
C ASN A 142 21.41 -3.41 -12.89
N LYS A 143 20.30 -2.66 -12.94
CA LYS A 143 19.38 -2.57 -11.80
C LYS A 143 18.07 -3.31 -12.01
N TYR A 144 17.46 -3.10 -13.18
CA TYR A 144 16.22 -3.76 -13.55
C TYR A 144 16.43 -5.25 -13.61
N SER A 145 17.68 -5.64 -13.90
CA SER A 145 18.03 -7.05 -13.97
C SER A 145 17.83 -7.69 -12.62
N LYS A 146 18.07 -6.94 -11.55
CA LYS A 146 17.91 -7.46 -10.19
C LYS A 146 16.42 -7.67 -9.90
N ILE A 147 15.60 -6.82 -10.48
CA ILE A 147 14.16 -6.94 -10.33
C ILE A 147 13.64 -8.18 -11.06
N GLN A 148 14.13 -8.41 -12.27
CA GLN A 148 13.73 -9.57 -13.07
C GLN A 148 14.17 -10.86 -12.39
N GLU A 149 15.36 -10.83 -11.81
CA GLU A 149 15.92 -11.98 -11.11
C GLU A 149 15.12 -12.32 -9.88
N ALA A 150 14.57 -11.30 -9.24
CA ALA A 150 13.73 -11.51 -8.05
C ALA A 150 12.42 -12.14 -8.46
N VAL A 151 11.84 -11.64 -9.55
CA VAL A 151 10.59 -12.20 -10.06
C VAL A 151 10.76 -13.66 -10.49
N ARG A 152 11.74 -13.97 -11.37
CA ARG A 152 11.97 -15.35 -11.79
C ARG A 152 12.42 -16.19 -10.61
N GLY A 153 13.06 -15.56 -9.64
CA GLY A 153 13.50 -16.26 -8.44
C GLY A 153 12.38 -16.88 -7.62
N THR A 154 11.18 -16.34 -7.75
CA THR A 154 10.00 -16.83 -7.02
C THR A 154 8.93 -17.33 -7.98
N LYS A 155 9.34 -17.72 -9.18
CA LYS A 155 8.41 -18.15 -10.23
C LYS A 155 7.29 -19.06 -9.74
N GLY A 156 6.05 -18.65 -10.02
CA GLY A 156 4.85 -19.40 -9.69
C GLY A 156 4.50 -19.52 -8.22
N GLN A 157 5.16 -18.73 -7.39
CA GLN A 157 4.91 -18.79 -5.97
C GLN A 157 3.87 -17.81 -5.47
N ILE A 158 2.91 -18.33 -4.67
CA ILE A 158 1.88 -17.53 -4.05
C ILE A 158 1.76 -17.83 -2.56
N ILE A 159 1.18 -16.88 -1.84
CA ILE A 159 0.92 -16.98 -0.41
C ILE A 159 -0.46 -17.65 -0.21
N THR A 160 -0.54 -18.66 0.65
CA THR A 160 -1.81 -19.38 0.86
C THR A 160 -2.24 -19.47 2.32
N TYR A 161 -3.57 -19.56 2.51
CA TYR A 161 -4.18 -19.78 3.82
C TYR A 161 -5.09 -20.94 3.49
N ASN A 162 -5.01 -22.03 4.25
CA ASN A 162 -5.79 -23.23 3.90
C ASN A 162 -5.77 -23.56 2.40
N ASP A 163 -4.58 -23.58 1.82
CA ASP A 163 -4.37 -23.88 0.39
C ASP A 163 -4.97 -22.94 -0.66
N LYS A 164 -5.63 -21.85 -0.26
CA LYS A 164 -6.12 -20.90 -1.25
C LYS A 164 -5.28 -19.63 -1.23
N ALA A 165 -5.20 -18.97 -2.37
CA ALA A 165 -4.51 -17.69 -2.49
C ALA A 165 -5.21 -16.69 -1.57
N ILE A 166 -4.42 -15.91 -0.85
CA ILE A 166 -4.94 -14.89 0.06
C ILE A 166 -5.01 -13.54 -0.64
N LEU A 167 -5.65 -12.59 0.03
CA LEU A 167 -5.70 -11.19 -0.42
C LEU A 167 -4.45 -10.60 0.21
N PRO A 168 -3.34 -10.48 -0.55
CA PRO A 168 -2.08 -10.08 0.04
C PRO A 168 -1.85 -8.56 0.00
N LEU A 169 -2.56 -7.85 0.87
CA LEU A 169 -2.44 -6.40 0.91
C LEU A 169 -1.05 -6.01 1.40
N TYR A 170 -0.56 -4.89 0.89
CA TYR A 170 0.76 -4.41 1.31
C TYR A 170 0.85 -2.89 1.14
N PHE A 171 1.79 -2.30 1.85
CA PHE A 171 1.93 -0.84 1.89
C PHE A 171 3.38 -0.45 2.27
N SER A 172 3.70 0.82 2.15
CA SER A 172 5.06 1.29 2.38
C SER A 172 5.64 1.12 3.78
N THR A 173 5.08 1.82 4.77
CA THR A 173 5.65 1.86 6.10
C THR A 173 4.55 1.93 7.15
N SER A 174 4.71 1.20 8.25
CA SER A 174 3.74 1.22 9.34
C SER A 174 4.25 2.16 10.41
N SER A 175 3.47 2.30 11.47
CA SER A 175 3.84 3.14 12.60
C SER A 175 4.58 2.33 13.65
N GLY A 176 4.75 1.04 13.42
CA GLY A 176 5.37 0.14 14.41
C GLY A 176 4.60 -1.17 14.53
N LYS A 177 3.35 -1.15 14.08
CA LYS A 177 2.48 -2.33 14.10
C LYS A 177 1.60 -2.26 12.89
N THR A 178 1.31 -3.40 12.28
CA THR A 178 0.40 -3.43 11.16
C THR A 178 -1.03 -3.38 11.71
N GLU A 179 -1.98 -3.18 10.80
CA GLU A 179 -3.37 -3.04 11.15
C GLU A 179 -4.13 -4.30 10.87
N ASN A 180 -5.21 -4.54 11.62
CA ASN A 180 -6.14 -5.65 11.33
C ASN A 180 -7.00 -5.16 10.17
N SER A 181 -7.21 -6.00 9.16
CA SER A 181 -8.00 -5.62 7.98
C SER A 181 -9.31 -4.89 8.27
N GLU A 182 -10.12 -5.44 9.18
CA GLU A 182 -11.43 -4.88 9.48
C GLU A 182 -11.41 -3.46 10.09
N GLU A 183 -10.36 -3.12 10.82
CA GLU A 183 -10.24 -1.78 11.41
C GLU A 183 -9.84 -0.73 10.39
N VAL A 184 -9.41 -1.15 9.22
CA VAL A 184 -9.05 -0.21 8.15
C VAL A 184 -10.07 -0.28 7.02
N PHE A 185 -10.44 -1.50 6.65
CA PHE A 185 -11.41 -1.68 5.58
C PHE A 185 -12.73 -2.20 6.16
N SER A 186 -13.23 -3.33 5.69
CA SER A 186 -14.54 -3.84 6.14
C SER A 186 -14.51 -5.21 6.79
N ALA A 187 -13.84 -6.16 6.15
CA ALA A 187 -13.81 -7.54 6.62
C ALA A 187 -12.57 -8.00 7.37
N LYS A 188 -12.81 -9.01 8.18
CA LYS A 188 -11.83 -9.65 9.03
C LYS A 188 -11.27 -10.89 8.30
N TYR A 189 -9.94 -11.03 8.22
CA TYR A 189 -9.30 -12.21 7.59
C TYR A 189 -8.26 -12.79 8.54
N PRO A 190 -8.25 -14.12 8.73
CA PRO A 190 -7.31 -14.73 9.69
C PRO A 190 -5.85 -14.40 9.46
N TYR A 191 -5.50 -14.05 8.22
CA TYR A 191 -4.12 -13.77 7.85
C TYR A 191 -3.76 -12.26 7.72
N LEU A 192 -4.73 -11.38 7.90
CA LEU A 192 -4.46 -9.94 7.90
C LEU A 192 -4.62 -9.42 9.32
N LYS A 193 -3.75 -9.87 10.21
CA LYS A 193 -3.77 -9.44 11.61
C LYS A 193 -2.64 -8.49 11.90
N SER A 194 -2.82 -7.71 12.95
CA SER A 194 -1.81 -6.77 13.40
C SER A 194 -0.64 -7.55 14.00
N VAL A 195 0.57 -7.23 13.53
CA VAL A 195 1.79 -7.82 14.06
C VAL A 195 2.82 -6.70 14.23
N GLU A 196 3.82 -6.94 15.07
CA GLU A 196 4.92 -6.02 15.29
C GLU A 196 5.71 -5.83 14.00
N SER A 197 6.30 -4.64 13.84
CA SER A 197 7.07 -4.31 12.65
C SER A 197 8.15 -3.35 13.14
N PRO A 198 9.10 -3.86 13.92
CA PRO A 198 10.11 -3.05 14.56
C PRO A 198 11.18 -2.40 13.70
N TYR A 199 11.27 -2.74 12.41
CA TYR A 199 12.28 -2.08 11.57
C TYR A 199 11.69 -0.91 10.78
N ASP A 200 10.38 -0.68 10.92
CA ASP A 200 9.73 0.43 10.21
C ASP A 200 10.24 1.78 10.63
N LYS A 201 10.68 1.89 11.87
CA LYS A 201 11.20 3.16 12.39
C LYS A 201 12.47 3.67 11.67
N TYR A 202 13.07 2.84 10.82
CA TYR A 202 14.25 3.22 10.03
C TYR A 202 13.88 3.74 8.64
N SER A 203 12.57 3.79 8.37
CA SER A 203 12.09 4.20 7.07
C SER A 203 12.11 5.71 6.93
N PRO A 204 12.45 6.20 5.73
CA PRO A 204 12.36 7.65 5.54
C PRO A 204 10.91 8.12 5.60
N LYS A 205 9.95 7.20 5.45
CA LYS A 205 8.52 7.55 5.48
C LYS A 205 7.82 7.18 6.78
N PHE A 206 8.58 6.96 7.84
CA PHE A 206 8.01 6.61 9.17
C PHE A 206 7.26 7.78 9.81
N ALA A 207 7.75 8.99 9.59
CA ALA A 207 7.10 10.17 10.19
C ALA A 207 7.05 11.30 9.22
N SER A 208 6.03 12.14 9.39
CA SER A 208 5.87 13.34 8.58
C SER A 208 4.91 14.27 9.30
N THR A 209 5.00 15.56 8.97
CA THR A 209 4.17 16.58 9.55
C THR A 209 3.75 17.54 8.45
N LEU A 210 2.58 18.15 8.59
CA LEU A 210 2.11 19.11 7.62
C LEU A 210 1.38 20.21 8.39
N LYS A 211 1.80 21.46 8.15
CA LYS A 211 1.18 22.62 8.75
C LYS A 211 0.18 23.19 7.75
N ILE A 212 -1.04 23.49 8.21
CA ILE A 212 -2.09 24.07 7.38
C ILE A 212 -2.69 25.24 8.12
N SER A 213 -2.82 26.39 7.47
CA SER A 213 -3.42 27.53 8.18
C SER A 213 -4.87 27.18 8.52
N ASN A 214 -5.40 27.78 9.58
CA ASN A 214 -6.78 27.52 9.99
C ASN A 214 -7.75 27.83 8.85
N THR A 215 -7.44 28.89 8.13
CA THR A 215 -8.21 29.34 6.98
C THR A 215 -8.28 28.29 5.91
N ASP A 216 -7.13 27.79 5.51
CA ASP A 216 -7.08 26.79 4.46
C ASP A 216 -7.63 25.47 4.95
N PHE A 217 -7.56 25.22 6.25
CA PHE A 217 -8.10 23.99 6.81
C PHE A 217 -9.61 23.97 6.58
N VAL A 218 -10.28 25.10 6.88
CA VAL A 218 -11.74 25.14 6.73
C VAL A 218 -12.11 25.26 5.26
N LYS A 219 -11.35 26.03 4.50
CA LYS A 219 -11.64 26.16 3.07
C LYS A 219 -11.62 24.78 2.36
N SER A 220 -10.60 23.96 2.64
CA SER A 220 -10.49 22.62 2.04
C SER A 220 -11.65 21.72 2.47
N LEU A 221 -12.04 21.79 3.73
CA LEU A 221 -13.15 20.96 4.20
C LEU A 221 -14.46 21.38 3.56
N ARG A 222 -14.74 22.69 3.52
CA ARG A 222 -15.97 23.21 2.88
C ARG A 222 -16.08 22.85 1.41
N ARG A 223 -14.94 22.88 0.70
CA ARG A 223 -14.94 22.52 -0.71
C ARG A 223 -15.25 21.03 -0.87
N ALA A 224 -14.79 20.19 0.06
CA ALA A 224 -15.05 18.74 -0.03
C ALA A 224 -16.38 18.29 0.58
N TYR A 225 -16.86 19.01 1.60
CA TYR A 225 -18.11 18.67 2.30
C TYR A 225 -18.93 19.94 2.44
N SER A 226 -19.85 20.12 1.51
CA SER A 226 -20.69 21.31 1.44
C SER A 226 -21.64 21.55 2.63
N THR A 227 -21.94 20.50 3.41
CA THR A 227 -22.83 20.64 4.57
C THR A 227 -22.06 20.86 5.87
N ILE A 228 -20.74 20.97 5.80
CA ILE A 228 -19.98 21.10 7.04
C ILE A 228 -20.21 22.45 7.67
N VAL A 229 -20.44 22.42 8.97
CA VAL A 229 -20.60 23.64 9.74
C VAL A 229 -19.42 23.64 10.68
N ILE A 230 -18.46 24.50 10.38
CA ILE A 230 -17.27 24.60 11.18
C ILE A 230 -16.83 26.06 11.16
N ASP A 231 -16.20 26.47 12.26
CA ASP A 231 -15.78 27.84 12.47
C ASP A 231 -14.24 27.91 12.59
N VAL A 232 -13.64 28.82 11.83
CA VAL A 232 -12.19 29.01 11.81
C VAL A 232 -11.59 29.33 13.20
N ASN A 233 -12.39 29.88 14.10
CA ASN A 233 -11.97 30.17 15.49
C ASN A 233 -12.42 29.00 16.37
N ASN A 234 -11.59 28.62 17.33
CA ASN A 234 -11.91 27.49 18.22
C ASN A 234 -12.13 26.17 17.45
N LEU A 235 -11.18 25.84 16.55
CA LEU A 235 -11.20 24.58 15.84
C LEU A 235 -10.87 23.49 16.86
N SER A 236 -10.11 23.83 17.89
CA SER A 236 -9.74 22.86 18.92
C SER A 236 -10.95 22.34 19.70
N LYS A 237 -12.02 23.12 19.75
CA LYS A 237 -13.25 22.71 20.41
C LYS A 237 -14.20 21.94 19.49
N GLN A 238 -13.97 21.98 18.19
CA GLN A 238 -14.85 21.35 17.22
C GLN A 238 -14.30 20.11 16.55
N VAL A 239 -12.99 19.95 16.58
CA VAL A 239 -12.31 18.86 15.89
C VAL A 239 -11.73 17.93 16.93
N SER A 240 -12.10 16.67 16.82
CA SER A 240 -11.65 15.67 17.77
C SER A 240 -11.78 14.24 17.21
N ILE A 241 -10.82 13.41 17.58
CA ILE A 241 -10.77 12.03 17.13
C ILE A 241 -11.75 11.21 17.91
N THR A 242 -12.66 10.55 17.21
CA THR A 242 -13.74 9.81 17.84
C THR A 242 -13.41 8.36 18.07
N LYS A 243 -12.69 7.76 17.15
CA LYS A 243 -12.33 6.36 17.22
C LYS A 243 -11.02 6.07 16.44
N ARG A 244 -10.13 5.33 17.09
CA ARG A 244 -8.83 5.02 16.55
C ARG A 244 -8.49 3.57 16.91
N SER A 245 -7.75 2.87 16.03
CA SER A 245 -7.34 1.49 16.33
C SER A 245 -6.11 1.56 17.27
N ASP A 246 -5.72 0.42 17.84
CA ASP A 246 -4.52 0.34 18.71
C ASP A 246 -3.28 0.65 17.86
N ALA A 247 -3.25 0.17 16.62
CA ALA A 247 -2.13 0.48 15.74
C ALA A 247 -2.10 2.00 15.41
N GLY A 248 -3.25 2.66 15.49
CA GLY A 248 -3.32 4.10 15.29
C GLY A 248 -4.14 4.67 14.16
N THR A 249 -4.68 3.83 13.26
CA THR A 249 -5.48 4.36 12.16
C THR A 249 -6.72 5.06 12.73
N VAL A 250 -6.95 6.28 12.28
CA VAL A 250 -8.12 7.03 12.70
C VAL A 250 -9.31 6.50 11.92
N GLU A 251 -10.24 5.84 12.61
CA GLU A 251 -11.43 5.30 11.97
C GLU A 251 -12.53 6.37 11.82
N LYS A 252 -12.72 7.18 12.86
CA LYS A 252 -13.71 8.26 12.87
C LYS A 252 -13.14 9.51 13.52
N ILE A 253 -13.48 10.66 12.96
CA ILE A 253 -13.06 11.94 13.45
C ILE A 253 -14.17 12.94 13.25
N LYS A 254 -14.48 13.66 14.33
CA LYS A 254 -15.51 14.69 14.34
C LYS A 254 -14.91 16.03 13.91
N LEU A 255 -15.54 16.65 12.92
CA LEU A 255 -15.17 18.01 12.50
C LEU A 255 -16.46 18.81 12.44
N GLY A 256 -16.74 19.57 13.48
CA GLY A 256 -17.98 20.33 13.56
C GLY A 256 -19.18 19.41 13.65
N ASN A 257 -20.00 19.42 12.62
CA ASN A 257 -21.19 18.56 12.52
C ASN A 257 -20.93 17.29 11.72
N LYS A 258 -19.73 17.18 11.15
CA LYS A 258 -19.36 16.06 10.30
C LYS A 258 -18.54 15.00 10.99
N GLU A 259 -18.74 13.76 10.54
CA GLU A 259 -17.96 12.62 10.98
C GLU A 259 -17.33 12.02 9.73
N LEU A 260 -16.01 12.06 9.65
CA LEU A 260 -15.29 11.54 8.53
C LEU A 260 -14.42 10.42 9.01
N THR A 261 -13.80 9.71 8.07
CA THR A 261 -12.86 8.65 8.43
C THR A 261 -11.48 9.23 8.28
N GLY A 262 -10.49 8.53 8.82
CA GLY A 262 -9.10 8.97 8.65
C GLY A 262 -8.74 9.02 7.17
N LYS A 263 -9.20 8.02 6.41
CA LYS A 263 -8.92 7.98 4.98
C LYS A 263 -9.43 9.24 4.31
N ASP A 264 -10.61 9.69 4.71
CA ASP A 264 -11.22 10.92 4.15
C ASP A 264 -10.30 12.11 4.37
N ILE A 265 -9.74 12.21 5.57
CA ILE A 265 -8.83 13.31 5.93
C ILE A 265 -7.51 13.22 5.13
N ARG A 266 -7.00 12.01 5.04
CA ARG A 266 -5.77 11.74 4.29
C ARG A 266 -5.97 12.23 2.87
N THR A 267 -7.14 11.94 2.33
CA THR A 267 -7.44 12.33 0.96
C THR A 267 -7.55 13.84 0.78
N VAL A 268 -8.32 14.49 1.62
CA VAL A 268 -8.49 15.92 1.51
C VAL A 268 -7.17 16.69 1.63
N PHE A 269 -6.32 16.29 2.59
CA PHE A 269 -5.06 17.00 2.85
C PHE A 269 -3.75 16.30 2.36
N LYS A 270 -3.89 15.25 1.55
CA LYS A 270 -2.74 14.56 0.95
C LYS A 270 -1.73 14.06 1.96
N LEU A 271 -2.22 13.52 3.07
CA LEU A 271 -1.31 12.99 4.07
C LEU A 271 -0.82 11.63 3.60
N ASN A 272 0.29 11.19 4.20
CA ASN A 272 0.86 9.88 3.88
C ASN A 272 0.06 8.75 4.41
N SER A 273 -0.71 8.99 5.48
CA SER A 273 -1.55 7.93 6.03
C SER A 273 -2.70 8.51 6.83
N ALA A 274 -3.53 7.59 7.29
CA ALA A 274 -4.69 7.89 8.09
C ALA A 274 -4.37 7.74 9.58
N ASN A 275 -3.10 7.53 9.91
CA ASN A 275 -2.67 7.42 11.32
C ASN A 275 -2.03 8.76 11.67
N PHE A 276 -2.83 9.67 12.18
CA PHE A 276 -2.33 10.99 12.50
C PHE A 276 -2.91 11.53 13.77
N ASP A 277 -2.29 12.60 14.28
CA ASP A 277 -2.88 13.30 15.39
C ASP A 277 -2.90 14.75 14.94
N ILE A 278 -3.74 15.57 15.57
CA ILE A 278 -3.83 16.98 15.20
C ILE A 278 -3.46 17.80 16.38
N LYS A 279 -2.61 18.81 16.18
N LYS A 279 -2.61 18.80 16.15
CA LYS A 279 -2.25 19.73 17.27
CA LYS A 279 -2.18 19.73 17.19
C LYS A 279 -2.66 21.11 16.80
C LYS A 279 -2.70 21.11 16.76
N PHE A 280 -3.34 21.84 17.67
CA PHE A 280 -3.89 23.18 17.34
C PHE A 280 -2.98 24.28 17.84
N GLY A 281 -2.56 25.15 16.93
CA GLY A 281 -1.70 26.26 17.30
C GLY A 281 -2.43 27.56 17.04
N GLU A 282 -1.73 28.67 17.23
CA GLU A 282 -2.32 29.97 17.00
C GLU A 282 -2.31 30.25 15.50
N GLY A 283 -3.46 30.07 14.86
CA GLY A 283 -3.63 30.33 13.43
C GLY A 283 -3.40 29.18 12.48
N TYR A 284 -2.96 28.02 12.97
CA TYR A 284 -2.72 26.86 12.13
C TYR A 284 -2.98 25.55 12.87
N ILE A 285 -3.02 24.46 12.13
CA ILE A 285 -3.08 23.13 12.73
C ILE A 285 -1.91 22.35 12.13
N ASP A 286 -1.29 21.48 12.94
CA ASP A 286 -0.27 20.58 12.42
C ASP A 286 -0.85 19.17 12.41
N PHE A 287 -0.68 18.48 11.29
CA PHE A 287 -1.01 17.07 11.23
C PHE A 287 0.32 16.34 11.51
N VAL A 288 0.35 15.46 12.51
CA VAL A 288 1.53 14.67 12.80
C VAL A 288 1.15 13.27 12.38
N VAL A 289 1.78 12.81 11.30
CA VAL A 289 1.41 11.57 10.65
C VAL A 289 2.43 10.47 10.91
N LYS A 290 1.95 9.24 11.00
CA LYS A 290 2.78 8.09 11.20
C LYS A 290 2.54 7.10 10.11
N GLY A 291 3.62 6.62 9.50
CA GLY A 291 3.53 5.62 8.47
C GLY A 291 3.15 6.20 7.14
N TYR A 292 3.08 5.32 6.15
CA TYR A 292 2.77 5.67 4.78
C TYR A 292 2.00 4.50 4.23
N GLY A 293 0.76 4.72 3.82
CA GLY A 293 -0.05 3.65 3.26
C GLY A 293 -1.09 3.12 4.23
N HIS A 294 -1.94 2.22 3.74
CA HIS A 294 -3.10 1.73 4.50
C HIS A 294 -2.81 0.94 5.77
N GLY A 295 -1.62 0.40 5.88
CA GLY A 295 -1.19 -0.31 7.10
C GLY A 295 -1.60 -1.75 7.29
N VAL A 296 -2.21 -2.33 6.28
CA VAL A 296 -2.70 -3.71 6.38
C VAL A 296 -1.82 -4.69 5.58
N GLY A 297 -1.52 -5.83 6.18
CA GLY A 297 -0.71 -6.85 5.53
C GLY A 297 0.78 -6.60 5.67
N MET A 298 1.49 -6.58 4.54
CA MET A 298 2.95 -6.45 4.57
C MET A 298 3.48 -5.03 4.41
N SER A 299 4.43 -4.70 5.27
CA SER A 299 5.13 -3.44 5.21
C SER A 299 6.33 -3.62 4.27
N GLN A 300 6.45 -2.77 3.26
CA GLN A 300 7.55 -2.83 2.34
C GLN A 300 8.86 -2.46 3.04
N TRP A 301 8.87 -1.36 3.80
CA TRP A 301 10.08 -0.98 4.54
C TRP A 301 10.36 -1.97 5.66
N GLY A 302 9.32 -2.62 6.15
CA GLY A 302 9.50 -3.63 7.20
C GLY A 302 10.22 -4.84 6.65
N ALA A 303 9.79 -5.28 5.47
CA ALA A 303 10.41 -6.39 4.77
C ALA A 303 11.90 -6.08 4.50
N GLU A 304 12.18 -4.84 4.14
CA GLU A 304 13.53 -4.39 3.85
C GLU A 304 14.36 -4.46 5.10
N GLY A 305 13.79 -3.99 6.19
CA GLY A 305 14.46 -4.07 7.48
C GLY A 305 14.73 -5.51 7.91
N MET A 306 13.74 -6.40 7.80
CA MET A 306 13.94 -7.82 8.16
C MET A 306 15.02 -8.47 7.28
N ALA A 307 14.95 -8.19 5.99
CA ALA A 307 15.93 -8.72 5.06
C ALA A 307 17.35 -8.25 5.40
N GLU A 308 17.45 -7.00 5.82
CA GLU A 308 18.73 -6.41 6.14
C GLU A 308 19.30 -7.10 7.38
N GLU A 309 18.41 -7.64 8.22
CA GLU A 309 18.78 -8.30 9.45
C GLU A 309 18.99 -9.81 9.28
N GLY A 310 18.82 -10.34 8.07
CA GLY A 310 19.06 -11.76 7.80
C GLY A 310 17.89 -12.66 7.53
N TYR A 311 16.68 -12.13 7.62
CA TYR A 311 15.49 -12.92 7.34
C TYR A 311 15.35 -13.17 5.84
N LYS A 312 14.76 -14.31 5.48
CA LYS A 312 14.54 -14.70 4.08
C LYS A 312 13.09 -14.51 3.72
N TYR A 313 12.80 -14.46 2.42
CA TYR A 313 11.43 -14.15 2.00
C TYR A 313 10.29 -15.01 2.61
N TYR A 314 10.47 -16.31 2.82
CA TYR A 314 9.37 -17.10 3.45
C TYR A 314 9.06 -16.61 4.85
N ASP A 315 10.09 -16.29 5.61
CA ASP A 315 9.87 -15.79 6.97
C ASP A 315 9.30 -14.40 6.96
N ILE A 316 9.65 -13.59 5.96
CA ILE A 316 9.10 -12.25 5.85
C ILE A 316 7.60 -12.38 5.60
N LEU A 317 7.24 -13.22 4.62
CA LEU A 317 5.85 -13.42 4.26
C LEU A 317 5.02 -14.07 5.37
N SER A 318 5.57 -15.02 6.12
CA SER A 318 4.78 -15.65 7.18
C SER A 318 4.68 -14.71 8.39
N HIS A 319 5.59 -13.76 8.51
CA HIS A 319 5.51 -12.80 9.63
C HIS A 319 4.37 -11.82 9.48
N TYR A 320 4.19 -11.30 8.27
CA TYR A 320 3.13 -10.29 8.00
C TYR A 320 1.77 -10.89 7.67
N TYR A 321 1.74 -12.06 7.04
CA TYR A 321 0.48 -12.74 6.71
C TYR A 321 0.38 -13.93 7.66
N THR A 322 -0.31 -13.71 8.76
CA THR A 322 -0.42 -14.69 9.82
C THR A 322 -0.88 -16.06 9.34
N ASP A 323 -0.23 -17.10 9.87
CA ASP A 323 -0.53 -18.52 9.59
C ASP A 323 -0.59 -18.91 8.10
N THR A 324 0.19 -18.27 7.25
CA THR A 324 0.21 -18.62 5.84
C THR A 324 1.40 -19.52 5.44
N LYS A 325 1.33 -20.00 4.20
CA LYS A 325 2.35 -20.84 3.63
C LYS A 325 2.67 -20.29 2.26
N ILE A 326 3.51 -21.01 1.53
CA ILE A 326 3.87 -20.63 0.20
C ILE A 326 3.64 -21.86 -0.63
N LYS A 327 3.08 -21.67 -1.82
CA LYS A 327 2.82 -22.74 -2.74
C LYS A 327 3.32 -22.40 -4.16
N ASP A 328 4.00 -23.36 -4.79
CA ASP A 328 4.40 -23.21 -6.17
C ASP A 328 3.26 -23.78 -7.05
N ILE A 329 2.53 -22.90 -7.73
CA ILE A 329 1.45 -23.34 -8.63
C ILE A 329 1.94 -23.63 -10.07
N TYR A 330 3.15 -23.19 -10.39
CA TYR A 330 3.79 -23.50 -11.69
C TYR A 330 5.30 -23.23 -11.57
C1 NAG B . -3.95 -0.35 -2.74
C2 NAG B . -4.28 -1.72 -2.17
C3 NAG B . -5.71 -2.06 -2.55
C4 NAG B . -6.66 -0.97 -2.02
C5 NAG B . -6.17 0.43 -2.44
C6 NAG B . -6.99 1.56 -1.81
C7 NAG B . -2.62 -3.50 -1.90
C8 NAG B . -1.63 -4.36 -2.63
N2 NAG B . -3.35 -2.70 -2.69
O1 NAG B . -2.59 -0.03 -2.49
O3 NAG B . -6.05 -3.34 -2.01
O4 NAG B . -8.01 -1.17 -2.51
O5 NAG B . -4.80 0.61 -2.10
O6 NAG B . -6.96 1.47 -0.39
O7 NAG B . -2.71 -3.52 -0.67
C1 NAG B . -8.94 -1.35 -1.45
C2 NAG B . -10.37 -1.09 -1.95
C3 NAG B . -11.39 -1.54 -0.91
C4 NAG B . -11.11 -2.94 -0.41
C5 NAG B . -9.66 -3.10 0.03
C6 NAG B . -9.31 -4.55 0.34
C7 NAG B . -10.85 0.80 -3.45
C8 NAG B . -10.97 2.30 -3.54
N2 NAG B . -10.54 0.33 -2.24
O3 NAG B . -12.69 -1.51 -1.49
O4 NAG B . -11.99 -3.20 0.70
O5 NAG B . -8.78 -2.68 -1.01
O6 NAG B . -9.43 -5.35 -0.84
O7 NAG B . -11.01 0.10 -4.43
C1 NAG B . -13.13 -4.02 0.37
C2 NAG B . -13.48 -4.89 1.58
C3 NAG B . -14.72 -5.73 1.30
C4 NAG B . -15.86 -4.87 0.75
C5 NAG B . -15.38 -3.95 -0.38
C6 NAG B . -16.46 -3.00 -0.88
C7 NAG B . -11.86 -5.95 3.07
C8 NAG B . -10.60 -6.75 3.16
N2 NAG B . -12.34 -5.76 1.85
O3 NAG B . -15.15 -6.39 2.50
O4 NAG B . -16.88 -5.75 0.28
O5 NAG B . -14.24 -3.19 0.06
O6 NAG B . -16.28 -1.71 -0.32
O7 NAG B . -12.36 -5.48 4.08
C1 NAG C . 15.06 8.43 -7.21
C2 NAG C . 14.87 7.01 -7.75
C3 NAG C . 13.39 6.68 -7.96
C4 NAG C . 12.54 7.07 -6.75
C5 NAG C . 12.82 8.54 -6.38
C6 NAG C . 12.00 9.04 -5.20
C7 NAG C . 16.07 5.69 -9.46
C8 NAG C . 16.86 5.76 -10.74
N2 NAG C . 15.62 6.86 -8.99
O1 NAG C . 16.43 8.63 -6.83
O3 NAG C . 13.22 5.28 -8.22
O4 NAG C . 11.16 6.87 -7.08
O5 NAG C . 14.21 8.66 -6.08
O6 NAG C . 12.42 10.35 -4.82
O7 NAG C . 15.87 4.63 -8.90
C1 NAG C . 10.33 6.31 -6.05
C2 NAG C . 8.89 6.34 -6.53
C3 NAG C . 7.99 5.94 -5.37
C4 NAG C . 8.38 4.54 -4.91
C5 NAG C . 9.90 4.42 -4.67
C6 NAG C . 10.33 2.97 -4.44
C7 NAG C . 8.43 7.95 -8.39
C8 NAG C . 8.71 6.90 -9.44
N2 NAG C . 8.52 7.65 -7.07
O3 NAG C . 6.62 5.98 -5.79
O4 NAG C . 7.68 4.25 -3.69
O5 NAG C . 10.64 4.95 -5.77
O6 NAG C . 11.18 2.93 -3.30
O7 NAG C . 8.10 9.07 -8.74
C1 NAG C . 6.50 3.47 -3.83
C2 NAG C . 6.10 2.92 -2.48
C3 NAG C . 4.81 2.11 -2.57
C4 NAG C . 3.71 2.85 -3.31
C5 NAG C . 4.25 3.50 -4.59
C6 NAG C . 3.22 4.43 -5.21
C7 NAG C . 7.80 2.25 -0.83
C8 NAG C . 8.76 1.16 -0.48
N2 NAG C . 7.17 2.06 -2.00
O3 NAG C . 4.29 1.82 -1.25
O4 NAG C . 2.66 1.91 -3.61
O5 NAG C . 5.43 4.26 -4.33
O6 NAG C . 3.67 4.79 -6.53
O7 NAG C . 7.61 3.21 -0.08
ZN ZN D . -7.59 -2.33 -10.08
NA NA E . 7.52 -22.30 -9.20
CL CL F . 5.97 -15.62 -12.70
C1 GOL G . 15.63 -3.34 15.78
O1 GOL G . 16.62 -2.32 15.56
C2 GOL G . 15.31 -3.49 17.28
O2 GOL G . 14.05 -4.15 17.45
C3 GOL G . 16.41 -4.31 17.95
O3 GOL G . 16.35 -4.12 19.37
#